data_4H98
#
_entry.id   4H98
#
_cell.length_a   42.706
_cell.length_b   42.706
_cell.length_c   230.460
_cell.angle_alpha   90.00
_cell.angle_beta   90.00
_cell.angle_gamma   90.00
#
_symmetry.space_group_name_H-M   'P 41'
#
loop_
_entity.id
_entity.type
_entity.pdbx_description
1 polymer 'Dihydrofolate Reductase'
2 non-polymer 'NADPH DIHYDRO-NICOTINAMIDE-ADENINE-DINUCLEOTIDE PHOSPHATE'
3 non-polymer 5-{3-[3-(1,3-benzodioxol-5-yl)-5-methoxyphenyl]prop-1-yn-1-yl}-6-ethylpyrimidine-2,4-diamine
4 water water
#
_entity_poly.entity_id   1
_entity_poly.type   'polypeptide(L)'
_entity_poly.pdbx_seq_one_letter_code
;VPVVGIVAALLPEMGIGFQGNLPWRLAKEMKYFREVTTLTNDNSKQNVVIMGRKTWESIPQKFRPLPKRINVVVSRSFDG
ELRKVEDGIYHSNSLRNCLTALQSSLANENKIERIYIIGGGEIYRQSMDLADHWLITKIMPLPETTIPQMDTFLQKQELE
QRFYDNSDKLVDFLPSSIQLEGRLTSQEWNGELVKGLPVQEKGYQFYFTLYTKKLEHHHHHHHH
;
_entity_poly.pdbx_strand_id   A,B
#
loop_
_chem_comp.id
_chem_comp.type
_chem_comp.name
_chem_comp.formula
14Q non-polymer 5-{3-[3-(1,3-benzodioxol-5-yl)-5-methoxyphenyl]prop-1-yn-1-yl}-6-ethylpyrimidine-2,4-diamine 'C23 H22 N4 O3'
NDP non-polymer 'NADPH DIHYDRO-NICOTINAMIDE-ADENINE-DINUCLEOTIDE PHOSPHATE' 'C21 H30 N7 O17 P3'
#
# COMPACT_ATOMS: atom_id res chain seq x y z
N VAL A 1 -12.40 -13.43 5.90
CA VAL A 1 -12.49 -12.41 7.00
C VAL A 1 -12.31 -11.00 6.44
N PRO A 2 -13.39 -10.19 6.46
CA PRO A 2 -13.36 -8.82 5.95
C PRO A 2 -12.45 -7.90 6.75
N VAL A 3 -11.68 -7.07 6.05
CA VAL A 3 -10.83 -6.07 6.69
C VAL A 3 -11.54 -4.73 6.67
N VAL A 4 -11.88 -4.22 7.86
CA VAL A 4 -12.68 -3.01 7.99
C VAL A 4 -11.95 -1.96 8.83
N GLY A 5 -11.67 -0.80 8.22
CA GLY A 5 -11.06 0.30 8.94
C GLY A 5 -12.13 1.10 9.67
N ILE A 6 -11.93 1.34 10.96
CA ILE A 6 -12.87 2.13 11.76
C ILE A 6 -12.20 3.38 12.32
N VAL A 7 -12.81 4.54 12.08
CA VAL A 7 -12.19 5.83 12.43
C VAL A 7 -13.23 6.92 12.75
N ALA A 8 -12.85 7.86 13.62
CA ALA A 8 -13.67 9.04 13.91
C ALA A 8 -12.95 10.30 13.45
N ALA A 9 -13.56 11.03 12.51
CA ALA A 9 -12.93 12.17 11.86
C ALA A 9 -13.77 13.44 11.96
N LEU A 10 -13.09 14.59 12.05
CA LEU A 10 -13.75 15.89 12.07
C LEU A 10 -13.70 16.55 10.70
N LEU A 11 -14.87 16.83 10.13
CA LEU A 11 -14.97 17.49 8.83
C LEU A 11 -14.57 18.96 8.92
N PRO A 12 -14.08 19.56 7.80
CA PRO A 12 -13.93 19.00 6.46
C PRO A 12 -12.59 18.33 6.17
N GLU A 13 -11.60 18.59 7.02
CA GLU A 13 -10.21 18.12 6.80
C GLU A 13 -10.01 16.66 7.20
N MET A 14 -10.96 16.12 7.95
CA MET A 14 -10.89 14.77 8.52
C MET A 14 -9.68 14.59 9.45
N GLY A 15 -9.65 15.41 10.50
CA GLY A 15 -8.63 15.31 11.54
C GLY A 15 -9.03 14.26 12.56
N ILE A 16 -8.07 13.46 12.99
CA ILE A 16 -8.35 12.30 13.84
C ILE A 16 -7.66 12.33 15.22
N GLY A 17 -6.57 13.08 15.33
CA GLY A 17 -5.81 13.14 16.58
C GLY A 17 -5.02 14.42 16.79
N PHE A 18 -4.58 14.63 18.02
CA PHE A 18 -3.73 15.77 18.37
C PHE A 18 -2.82 15.45 19.55
N GLN A 19 -1.51 15.50 19.29
CA GLN A 19 -0.47 15.24 20.30
C GLN A 19 -0.69 13.91 21.03
N GLY A 20 -0.89 12.84 20.24
CA GLY A 20 -1.05 11.50 20.76
C GLY A 20 -2.38 11.15 21.40
N ASN A 21 -3.33 12.09 21.35
CA ASN A 21 -4.66 11.90 21.95
C ASN A 21 -5.80 12.22 20.99
N LEU A 22 -7.00 11.80 21.34
CA LEU A 22 -8.20 12.17 20.60
C LEU A 22 -8.53 13.65 20.90
N PRO A 23 -8.84 14.44 19.85
CA PRO A 23 -9.12 15.88 20.03
C PRO A 23 -10.49 16.17 20.67
N TRP A 24 -11.16 15.13 21.17
CA TRP A 24 -12.46 15.25 21.78
C TRP A 24 -12.72 14.07 22.69
N ARG A 25 -13.78 14.16 23.49
CA ARG A 25 -14.23 13.05 24.31
C ARG A 25 -15.75 12.93 24.20
N LEU A 26 -16.19 11.88 23.50
CA LEU A 26 -17.62 11.67 23.27
C LEU A 26 -18.05 10.26 23.69
N ALA A 27 -18.93 10.21 24.69
CA ALA A 27 -19.41 8.94 25.26
C ALA A 27 -20.17 8.09 24.26
N LYS A 28 -20.98 8.72 23.42
CA LYS A 28 -21.78 8.01 22.42
C LYS A 28 -20.97 7.54 21.21
N GLU A 29 -19.80 8.17 20.99
CA GLU A 29 -18.88 7.75 19.93
C GLU A 29 -18.08 6.53 20.38
N MET A 30 -17.73 6.50 21.66
CA MET A 30 -17.01 5.39 22.27
C MET A 30 -17.92 4.16 22.35
N LYS A 31 -19.17 4.38 22.80
CA LYS A 31 -20.18 3.33 22.92
C LYS A 31 -20.38 2.61 21.59
N TYR A 32 -20.42 3.38 20.50
CA TYR A 32 -20.53 2.85 19.16
C TYR A 32 -19.31 2.02 18.77
N PHE A 33 -18.12 2.62 18.92
CA PHE A 33 -16.86 1.95 18.60
C PHE A 33 -16.69 0.63 19.36
N ARG A 34 -16.96 0.66 20.66
CA ARG A 34 -16.82 -0.52 21.52
C ARG A 34 -17.73 -1.67 21.07
N GLU A 35 -19.01 -1.36 20.86
CA GLU A 35 -20.00 -2.36 20.45
C GLU A 35 -19.76 -2.94 19.06
N VAL A 36 -19.35 -2.09 18.12
CA VAL A 36 -19.04 -2.53 16.75
C VAL A 36 -17.87 -3.51 16.73
N THR A 37 -16.80 -3.16 17.44
CA THR A 37 -15.59 -3.99 17.47
C THR A 37 -15.75 -5.24 18.34
N THR A 38 -16.62 -5.17 19.33
CA THR A 38 -16.87 -6.30 20.24
C THR A 38 -17.87 -7.29 19.65
N LEU A 39 -19.06 -6.81 19.28
CA LEU A 39 -20.15 -7.68 18.85
C LEU A 39 -19.89 -8.39 17.53
N THR A 40 -20.45 -9.60 17.40
CA THR A 40 -20.33 -10.41 16.19
C THR A 40 -21.68 -11.03 15.84
N ASN A 41 -21.80 -11.53 14.61
CA ASN A 41 -22.96 -12.32 14.21
C ASN A 41 -22.87 -13.77 14.68
N ASP A 42 -21.65 -14.28 14.69
CA ASP A 42 -21.36 -15.60 15.23
C ASP A 42 -20.95 -15.45 16.69
N ASN A 43 -21.78 -15.98 17.60
CA ASN A 43 -21.55 -15.88 19.04
C ASN A 43 -20.26 -16.53 19.54
N SER A 44 -19.74 -17.49 18.77
CA SER A 44 -18.51 -18.21 19.11
C SER A 44 -17.29 -17.60 18.44
N LYS A 45 -17.48 -16.46 17.78
CA LYS A 45 -16.39 -15.73 17.14
C LYS A 45 -16.06 -14.43 17.88
N GLN A 46 -14.81 -14.01 17.75
CA GLN A 46 -14.36 -12.69 18.22
C GLN A 46 -13.72 -11.93 17.07
N ASN A 47 -13.85 -10.61 17.10
CA ASN A 47 -13.16 -9.76 16.13
C ASN A 47 -11.71 -9.49 16.56
N VAL A 48 -10.91 -9.01 15.61
CA VAL A 48 -9.53 -8.61 15.88
C VAL A 48 -9.39 -7.09 15.76
N VAL A 49 -8.71 -6.48 16.73
CA VAL A 49 -8.36 -5.07 16.65
C VAL A 49 -6.86 -4.90 16.41
N ILE A 50 -6.52 -4.19 15.34
CA ILE A 50 -5.13 -3.91 14.98
C ILE A 50 -4.83 -2.43 15.13
N MET A 51 -3.72 -2.13 15.81
CA MET A 51 -3.30 -0.75 16.04
C MET A 51 -1.79 -0.59 15.90
N GLY A 52 -1.37 0.63 15.59
CA GLY A 52 0.04 0.97 15.58
C GLY A 52 0.54 1.14 17.00
N ARG A 53 1.86 1.19 17.15
CA ARG A 53 2.53 1.25 18.45
C ARG A 53 2.14 2.49 19.27
N LYS A 54 1.98 3.63 18.59
CA LYS A 54 1.68 4.89 19.26
C LYS A 54 0.24 4.99 19.77
N THR A 55 -0.69 4.42 19.01
CA THR A 55 -2.11 4.38 19.40
C THR A 55 -2.31 3.53 20.66
N TRP A 56 -1.61 2.40 20.72
CA TRP A 56 -1.62 1.52 21.89
C TRP A 56 -1.20 2.24 23.15
N GLU A 57 -0.17 3.09 23.02
CA GLU A 57 0.44 3.79 24.15
C GLU A 57 -0.43 4.88 24.77
N SER A 58 -1.45 5.33 24.04
CA SER A 58 -2.33 6.39 24.53
C SER A 58 -3.66 5.86 25.07
N ILE A 59 -3.90 4.57 24.90
CA ILE A 59 -5.11 3.93 25.46
C ILE A 59 -4.92 3.72 26.96
N PRO A 60 -5.84 4.28 27.79
CA PRO A 60 -5.78 4.16 29.24
C PRO A 60 -5.40 2.75 29.69
N GLN A 61 -4.33 2.66 30.48
CA GLN A 61 -3.72 1.38 30.86
C GLN A 61 -4.66 0.46 31.64
N LYS A 62 -5.74 1.04 32.17
CA LYS A 62 -6.80 0.27 32.80
C LYS A 62 -7.69 -0.45 31.79
N PHE A 63 -7.91 0.18 30.64
CA PHE A 63 -8.82 -0.35 29.63
C PHE A 63 -8.14 -1.04 28.45
N ARG A 64 -6.83 -1.27 28.57
CA ARG A 64 -6.06 -2.02 27.56
C ARG A 64 -5.36 -3.25 28.15
N PRO A 65 -5.32 -4.38 27.40
CA PRO A 65 -5.91 -4.59 26.07
C PRO A 65 -7.43 -4.49 26.06
N LEU A 66 -7.99 -4.10 24.92
CA LEU A 66 -9.42 -3.89 24.78
C LEU A 66 -10.18 -5.20 25.00
N PRO A 67 -11.04 -5.24 26.03
CA PRO A 67 -11.75 -6.46 26.44
C PRO A 67 -12.59 -7.09 25.34
N LYS A 68 -12.66 -8.42 25.35
CA LYS A 68 -13.48 -9.22 24.42
C LYS A 68 -13.04 -9.13 22.95
N ARG A 69 -11.86 -8.55 22.71
CA ARG A 69 -11.29 -8.42 21.37
C ARG A 69 -9.83 -8.85 21.37
N ILE A 70 -9.44 -9.57 20.32
CA ILE A 70 -8.04 -9.95 20.14
C ILE A 70 -7.25 -8.70 19.72
N ASN A 71 -6.31 -8.30 20.56
CA ASN A 71 -5.50 -7.11 20.32
C ASN A 71 -4.21 -7.44 19.58
N VAL A 72 -3.91 -6.65 18.55
CA VAL A 72 -2.66 -6.76 17.80
C VAL A 72 -1.99 -5.40 17.70
N VAL A 73 -0.77 -5.30 18.22
CA VAL A 73 0.01 -4.07 18.17
C VAL A 73 1.17 -4.23 17.18
N VAL A 74 1.17 -3.42 16.12
CA VAL A 74 2.23 -3.51 15.11
C VAL A 74 3.33 -2.46 15.29
N SER A 75 4.55 -2.96 15.47
CA SER A 75 5.75 -2.12 15.52
C SER A 75 6.88 -2.82 14.77
N ARG A 76 7.66 -2.03 14.03
CA ARG A 76 8.75 -2.56 13.21
C ARG A 76 9.92 -3.11 14.06
N SER A 77 9.92 -2.75 15.34
CA SER A 77 10.93 -3.20 16.30
C SER A 77 10.68 -4.62 16.83
N PHE A 78 9.46 -5.13 16.65
CA PHE A 78 9.08 -6.45 17.14
C PHE A 78 9.68 -7.58 16.31
N ASP A 79 9.58 -8.81 16.83
CA ASP A 79 10.19 -9.99 16.20
C ASP A 79 9.40 -10.51 15.00
N GLY A 80 8.46 -11.42 15.26
CA GLY A 80 7.71 -12.10 14.19
C GLY A 80 6.53 -11.35 13.62
N GLU A 81 5.99 -11.87 12.51
CA GLU A 81 4.83 -11.31 11.82
C GLU A 81 3.56 -11.35 12.66
N LEU A 82 3.54 -12.26 13.64
CA LEU A 82 2.48 -12.38 14.64
C LEU A 82 3.02 -13.18 15.80
N ARG A 83 2.92 -12.62 17.00
CA ARG A 83 3.49 -13.26 18.19
C ARG A 83 2.67 -12.93 19.43
N LYS A 84 2.25 -13.97 20.14
CA LYS A 84 1.56 -13.81 21.43
C LYS A 84 2.58 -13.45 22.50
N VAL A 85 2.37 -12.31 23.16
CA VAL A 85 3.24 -11.87 24.25
C VAL A 85 2.57 -11.98 25.62
N GLU A 86 1.29 -11.62 25.68
CA GLU A 86 0.49 -11.74 26.89
C GLU A 86 -0.87 -12.33 26.56
N ASP A 87 -1.77 -12.33 27.55
CA ASP A 87 -3.14 -12.82 27.35
C ASP A 87 -3.96 -11.83 26.51
N GLY A 88 -4.28 -12.25 25.28
CA GLY A 88 -5.07 -11.42 24.37
C GLY A 88 -4.32 -10.26 23.76
N ILE A 89 -2.99 -10.28 23.87
CA ILE A 89 -2.14 -9.28 23.24
C ILE A 89 -1.17 -9.95 22.26
N TYR A 90 -1.20 -9.49 21.01
CA TYR A 90 -0.30 -9.99 19.98
C TYR A 90 0.61 -8.89 19.44
N HIS A 91 1.89 -9.22 19.26
CA HIS A 91 2.86 -8.30 18.66
C HIS A 91 3.20 -8.72 17.26
N SER A 92 3.21 -7.73 16.36
CA SER A 92 3.53 -7.94 14.96
C SER A 92 4.50 -6.86 14.46
N ASN A 93 5.26 -7.19 13.41
CA ASN A 93 6.23 -6.25 12.85
C ASN A 93 5.96 -5.89 11.38
N SER A 94 4.77 -6.25 10.90
CA SER A 94 4.31 -5.89 9.56
C SER A 94 2.80 -5.94 9.48
N LEU A 95 2.19 -4.81 9.12
CA LEU A 95 0.74 -4.72 8.98
C LEU A 95 0.22 -5.65 7.87
N ARG A 96 0.93 -5.67 6.74
CA ARG A 96 0.53 -6.52 5.60
C ARG A 96 0.66 -8.00 5.90
N ASN A 97 1.80 -8.39 6.48
CA ASN A 97 2.05 -9.79 6.84
C ASN A 97 1.14 -10.30 7.96
N CYS A 98 0.80 -9.39 8.88
CA CYS A 98 -0.11 -9.70 9.98
C CYS A 98 -1.50 -10.07 9.46
N LEU A 99 -1.98 -9.30 8.47
CA LEU A 99 -3.28 -9.53 7.89
C LEU A 99 -3.34 -10.89 7.18
N THR A 100 -2.29 -11.23 6.45
CA THR A 100 -2.19 -12.51 5.75
C THR A 100 -2.21 -13.68 6.74
N ALA A 101 -1.57 -13.47 7.90
CA ALA A 101 -1.48 -14.49 8.94
C ALA A 101 -2.84 -14.83 9.56
N LEU A 102 -3.64 -13.80 9.83
CA LEU A 102 -4.98 -13.98 10.41
C LEU A 102 -5.96 -14.54 9.38
N GLN A 103 -5.79 -14.14 8.12
CA GLN A 103 -6.71 -14.52 7.03
C GLN A 103 -6.64 -15.99 6.64
N SER A 104 -5.48 -16.60 6.80
CA SER A 104 -5.29 -18.03 6.54
C SER A 104 -6.11 -18.85 7.55
N SER A 105 -7.12 -19.56 7.04
CA SER A 105 -8.07 -20.28 7.89
C SER A 105 -7.47 -21.42 8.71
N LEU A 106 -6.18 -21.69 8.53
CA LEU A 106 -5.44 -22.66 9.33
C LEU A 106 -5.14 -22.09 10.71
N ALA A 107 -4.66 -20.86 10.75
CA ALA A 107 -4.33 -20.18 12.00
C ALA A 107 -5.57 -19.81 12.81
N ASN A 108 -6.54 -19.17 12.15
CA ASN A 108 -7.75 -18.66 12.81
C ASN A 108 -8.82 -19.71 13.13
N GLU A 109 -8.82 -20.80 12.35
CA GLU A 109 -9.86 -21.84 12.43
C GLU A 109 -11.29 -21.29 12.38
N ASN A 110 -11.51 -20.34 11.48
CA ASN A 110 -12.81 -19.66 11.30
C ASN A 110 -13.46 -19.24 12.64
N LYS A 111 -12.68 -18.56 13.47
CA LYS A 111 -13.15 -18.05 14.76
C LYS A 111 -13.01 -16.53 14.83
N ILE A 112 -12.50 -15.95 13.75
CA ILE A 112 -12.42 -14.51 13.57
C ILE A 112 -13.49 -14.10 12.57
N GLU A 113 -14.35 -13.16 12.96
CA GLU A 113 -15.39 -12.67 12.08
C GLU A 113 -14.90 -11.50 11.23
N ARG A 114 -14.37 -10.47 11.89
CA ARG A 114 -13.85 -9.29 11.20
C ARG A 114 -12.53 -8.80 11.79
N ILE A 115 -11.69 -8.25 10.93
CA ILE A 115 -10.46 -7.59 11.36
C ILE A 115 -10.70 -6.08 11.29
N TYR A 116 -10.86 -5.47 12.47
CA TYR A 116 -11.04 -4.03 12.55
C TYR A 116 -9.69 -3.34 12.72
N ILE A 117 -9.38 -2.45 11.80
CA ILE A 117 -8.20 -1.61 11.91
C ILE A 117 -8.57 -0.34 12.69
N ILE A 118 -8.26 -0.34 13.98
CA ILE A 118 -8.52 0.83 14.84
C ILE A 118 -7.45 1.89 14.62
N GLY A 119 -6.37 1.49 13.94
CA GLY A 119 -5.46 2.39 13.23
C GLY A 119 -4.43 3.21 13.97
N GLY A 120 -4.32 4.47 13.56
CA GLY A 120 -3.34 5.39 14.10
C GLY A 120 -3.12 6.60 13.21
N GLY A 121 -3.02 6.39 11.91
CA GLY A 121 -2.77 7.48 10.96
C GLY A 121 -1.69 7.09 9.98
N GLU A 122 -0.58 6.58 10.51
CA GLU A 122 0.43 5.92 9.70
C GLU A 122 -0.14 4.58 9.24
N ILE A 123 -0.87 3.92 10.15
CA ILE A 123 -1.57 2.68 9.85
C ILE A 123 -2.75 2.94 8.89
N TYR A 124 -3.51 4.00 9.19
CA TYR A 124 -4.66 4.38 8.37
C TYR A 124 -4.33 4.65 6.90
N ARG A 125 -3.18 5.28 6.65
CA ARG A 125 -2.70 5.53 5.28
C ARG A 125 -2.39 4.23 4.56
N GLN A 126 -1.76 3.30 5.27
CA GLN A 126 -1.45 1.97 4.75
C GLN A 126 -2.69 1.09 4.64
N SER A 127 -3.76 1.49 5.35
CA SER A 127 -5.01 0.74 5.36
C SER A 127 -5.85 1.01 4.11
N MET A 128 -5.62 2.17 3.47
CA MET A 128 -6.35 2.54 2.25
C MET A 128 -6.21 1.48 1.16
N ASP A 129 -5.02 0.91 1.07
CA ASP A 129 -4.70 -0.12 0.08
C ASP A 129 -5.05 -1.53 0.57
N LEU A 130 -5.48 -1.63 1.83
CA LEU A 130 -5.67 -2.93 2.49
C LEU A 130 -7.11 -3.23 2.86
N ALA A 131 -7.81 -2.24 3.41
CA ALA A 131 -9.17 -2.44 3.93
C ALA A 131 -10.23 -2.51 2.84
N ASP A 132 -11.22 -3.39 3.04
CA ASP A 132 -12.36 -3.53 2.13
C ASP A 132 -13.38 -2.43 2.38
N HIS A 133 -13.74 -2.25 3.66
CA HIS A 133 -14.73 -1.26 4.07
C HIS A 133 -14.14 -0.24 5.00
N TRP A 134 -14.89 0.84 5.20
CA TRP A 134 -14.53 1.86 6.18
C TRP A 134 -15.74 2.29 6.98
N LEU A 135 -15.62 2.21 8.30
CA LEU A 135 -16.62 2.80 9.18
C LEU A 135 -16.09 4.14 9.68
N ILE A 136 -16.63 5.21 9.09
CA ILE A 136 -16.16 6.56 9.38
C ILE A 136 -17.22 7.34 10.12
N THR A 137 -16.86 7.85 11.29
CA THR A 137 -17.74 8.73 12.06
C THR A 137 -17.42 10.18 11.72
N LYS A 138 -18.21 10.76 10.82
CA LYS A 138 -18.02 12.14 10.38
C LYS A 138 -18.57 13.11 11.42
N ILE A 139 -17.66 13.85 12.06
CA ILE A 139 -18.02 14.75 13.16
C ILE A 139 -18.02 16.20 12.68
N MET A 140 -19.07 16.93 13.06
CA MET A 140 -19.21 18.34 12.74
C MET A 140 -19.39 19.18 14.00
N PRO A 141 -18.58 20.25 14.14
CA PRO A 141 -18.78 21.20 15.23
C PRO A 141 -20.03 22.04 15.01
N LEU A 142 -20.85 22.18 16.04
CA LEU A 142 -22.08 22.96 15.97
C LEU A 142 -21.77 24.46 15.86
N PRO A 143 -22.70 25.27 15.30
CA PRO A 143 -22.47 26.69 15.00
C PRO A 143 -21.70 27.50 16.06
N GLU A 144 -21.90 27.18 17.34
CA GLU A 144 -21.24 27.89 18.44
C GLU A 144 -19.92 27.24 18.86
N THR A 145 -19.78 25.94 18.62
CA THR A 145 -18.61 25.16 19.05
C THR A 145 -17.33 25.58 18.33
N THR A 146 -16.22 25.49 19.04
CA THR A 146 -14.91 25.80 18.51
C THR A 146 -14.26 24.54 17.93
N ILE A 147 -13.66 24.67 16.75
CA ILE A 147 -12.87 23.61 16.12
C ILE A 147 -11.61 23.35 16.94
N PRO A 148 -11.40 22.10 17.38
CA PRO A 148 -10.19 21.77 18.14
C PRO A 148 -8.96 21.64 17.25
N GLN A 149 -7.79 21.88 17.83
CA GLN A 149 -6.52 21.75 17.09
C GLN A 149 -6.15 20.28 16.91
N MET A 150 -5.66 19.94 15.72
CA MET A 150 -5.35 18.55 15.35
C MET A 150 -4.06 18.48 14.52
N ASP A 151 -3.33 17.37 14.66
CA ASP A 151 -2.08 17.16 13.92
C ASP A 151 -2.03 15.89 13.08
N THR A 152 -3.00 15.00 13.29
CA THR A 152 -3.13 13.77 12.52
C THR A 152 -4.40 13.82 11.67
N PHE A 153 -4.28 13.41 10.41
CA PHE A 153 -5.39 13.52 9.45
C PHE A 153 -5.56 12.26 8.61
N LEU A 154 -6.81 11.90 8.34
CA LEU A 154 -7.13 10.80 7.44
C LEU A 154 -7.05 11.28 5.99
N GLN A 155 -6.49 10.44 5.12
CA GLN A 155 -6.39 10.75 3.69
C GLN A 155 -7.77 10.70 3.04
N LYS A 156 -8.40 11.87 2.92
CA LYS A 156 -9.72 11.98 2.30
C LYS A 156 -9.64 11.73 0.80
N GLN A 157 -8.50 12.08 0.20
CA GLN A 157 -8.26 11.89 -1.23
C GLN A 157 -8.16 10.41 -1.59
N GLU A 158 -7.24 9.69 -0.93
CA GLU A 158 -7.04 8.26 -1.14
C GLU A 158 -8.30 7.43 -0.86
N LEU A 159 -9.13 7.94 0.06
CA LEU A 159 -10.39 7.28 0.42
C LEU A 159 -11.43 7.39 -0.70
N GLU A 160 -11.64 8.60 -1.21
CA GLU A 160 -12.69 8.84 -2.20
C GLU A 160 -12.31 8.42 -3.63
N GLN A 161 -11.04 8.03 -3.81
CA GLN A 161 -10.60 7.37 -5.04
C GLN A 161 -11.04 5.90 -5.04
N ARG A 162 -10.84 5.24 -3.91
CA ARG A 162 -10.98 3.77 -3.80
C ARG A 162 -12.31 3.33 -3.20
N PHE A 163 -13.03 4.26 -2.56
CA PHE A 163 -14.25 3.93 -1.84
C PHE A 163 -15.41 4.86 -2.20
N TYR A 164 -16.63 4.36 -2.03
CA TYR A 164 -17.84 5.15 -2.24
C TYR A 164 -18.70 5.15 -0.99
N ASP A 165 -19.56 6.17 -0.87
CA ASP A 165 -20.47 6.32 0.26
C ASP A 165 -21.57 5.24 0.21
N ASN A 166 -21.37 4.19 0.99
CA ASN A 166 -22.29 3.06 1.05
C ASN A 166 -23.09 3.06 2.35
N SER A 167 -23.44 4.24 2.84
CA SER A 167 -24.13 4.38 4.13
C SER A 167 -25.53 3.79 4.14
N ASP A 168 -26.11 3.58 2.96
CA ASP A 168 -27.42 2.94 2.81
C ASP A 168 -27.46 1.51 3.37
N LYS A 169 -26.30 0.87 3.42
CA LYS A 169 -26.20 -0.52 3.90
C LYS A 169 -25.55 -0.62 5.28
N LEU A 170 -25.55 0.48 6.03
CA LEU A 170 -24.90 0.53 7.35
C LEU A 170 -25.53 -0.43 8.36
N VAL A 171 -26.85 -0.36 8.51
CA VAL A 171 -27.59 -1.21 9.44
C VAL A 171 -27.41 -2.71 9.12
N ASP A 172 -27.36 -3.03 7.83
CA ASP A 172 -27.11 -4.40 7.37
C ASP A 172 -25.69 -4.85 7.67
N PHE A 173 -24.74 -3.92 7.57
CA PHE A 173 -23.32 -4.22 7.73
C PHE A 173 -22.94 -4.40 9.19
N LEU A 174 -23.53 -3.61 10.08
CA LEU A 174 -23.25 -3.70 11.51
C LEU A 174 -23.83 -4.98 12.11
N PRO A 175 -23.20 -5.50 13.18
CA PRO A 175 -23.71 -6.70 13.84
C PRO A 175 -25.16 -6.52 14.27
N SER A 176 -25.95 -7.59 14.19
CA SER A 176 -27.40 -7.53 14.41
C SER A 176 -27.83 -7.07 15.80
N SER A 177 -27.00 -7.35 16.80
CA SER A 177 -27.35 -7.08 18.19
C SER A 177 -27.17 -5.61 18.61
N ILE A 178 -26.52 -4.81 17.77
CA ILE A 178 -26.25 -3.39 18.08
C ILE A 178 -27.51 -2.54 18.06
N GLN A 179 -27.58 -1.59 18.98
CA GLN A 179 -28.72 -0.68 19.10
C GLN A 179 -28.39 0.70 18.53
N LEU A 180 -29.29 1.21 17.69
CA LEU A 180 -29.09 2.50 17.03
C LEU A 180 -30.29 3.43 17.26
N GLU A 181 -30.00 4.71 17.47
CA GLU A 181 -31.02 5.71 17.79
C GLU A 181 -31.72 6.26 16.55
N GLY A 182 -31.07 7.18 15.84
CA GLY A 182 -31.67 7.87 14.70
C GLY A 182 -31.87 7.02 13.45
N ARG A 183 -32.33 7.66 12.38
CA ARG A 183 -32.55 6.99 11.10
C ARG A 183 -31.75 7.67 9.99
N LEU A 184 -31.54 6.94 8.88
CA LEU A 184 -30.65 7.39 7.79
C LEU A 184 -31.05 8.75 7.22
N THR A 185 -30.09 9.68 7.25
CA THR A 185 -30.33 11.07 6.86
C THR A 185 -29.20 11.64 6.01
N SER A 186 -29.57 12.33 4.94
CA SER A 186 -28.63 13.10 4.13
C SER A 186 -28.57 14.55 4.61
N GLN A 187 -27.38 15.14 4.54
CA GLN A 187 -27.15 16.48 5.03
C GLN A 187 -25.96 17.11 4.31
N GLU A 188 -26.14 18.35 3.86
CA GLU A 188 -25.05 19.10 3.24
C GLU A 188 -24.31 19.90 4.31
N TRP A 189 -22.98 19.81 4.28
CA TRP A 189 -22.15 20.55 5.23
C TRP A 189 -20.85 20.98 4.63
N ASN A 190 -20.66 22.30 4.58
CA ASN A 190 -19.48 22.95 3.98
C ASN A 190 -19.15 22.44 2.57
N GLY A 191 -20.20 22.19 1.78
CA GLY A 191 -20.05 21.71 0.41
C GLY A 191 -20.43 20.25 0.24
N GLU A 192 -19.69 19.37 0.89
CA GLU A 192 -19.85 17.91 0.73
C GLU A 192 -21.17 17.36 1.32
N LEU A 193 -21.61 16.22 0.77
CA LEU A 193 -22.78 15.51 1.26
C LEU A 193 -22.41 14.59 2.41
N VAL A 194 -23.14 14.70 3.52
CA VAL A 194 -22.94 13.87 4.70
C VAL A 194 -24.17 12.96 4.88
N LYS A 195 -23.96 11.66 4.74
CA LYS A 195 -25.05 10.69 4.78
C LYS A 195 -24.74 9.59 5.79
N GLY A 196 -25.68 9.35 6.71
CA GLY A 196 -25.54 8.31 7.72
C GLY A 196 -26.54 8.43 8.85
N LEU A 197 -26.20 7.86 10.00
CA LEU A 197 -27.05 7.90 11.18
C LEU A 197 -26.65 9.02 12.14
N PRO A 198 -27.54 10.01 12.35
CA PRO A 198 -27.19 11.24 13.06
C PRO A 198 -27.29 11.14 14.57
N VAL A 199 -26.21 11.52 15.25
CA VAL A 199 -26.13 11.56 16.71
C VAL A 199 -25.57 12.91 17.14
N GLN A 200 -25.99 13.40 18.30
CA GLN A 200 -25.53 14.67 18.82
C GLN A 200 -25.07 14.56 20.28
N GLU A 201 -23.84 15.00 20.54
CA GLU A 201 -23.27 15.01 21.89
C GLU A 201 -22.37 16.23 22.10
N LYS A 202 -22.44 16.81 23.31
CA LYS A 202 -21.75 18.07 23.63
C LYS A 202 -22.02 19.15 22.57
N GLY A 203 -20.95 19.65 21.96
CA GLY A 203 -21.07 20.64 20.89
C GLY A 203 -20.83 20.07 19.50
N TYR A 204 -21.05 18.76 19.37
CA TYR A 204 -20.84 18.07 18.09
C TYR A 204 -22.08 17.32 17.63
N GLN A 205 -22.30 17.32 16.32
CA GLN A 205 -23.28 16.44 15.69
C GLN A 205 -22.52 15.54 14.71
N PHE A 206 -22.54 14.24 14.97
CA PHE A 206 -21.78 13.30 14.15
C PHE A 206 -22.61 12.23 13.44
N TYR A 207 -22.07 11.73 12.33
CA TYR A 207 -22.75 10.77 11.48
C TYR A 207 -21.93 9.48 11.35
N PHE A 208 -22.57 8.34 11.59
CA PHE A 208 -21.95 7.05 11.34
C PHE A 208 -22.14 6.68 9.87
N THR A 209 -21.03 6.44 9.17
CA THR A 209 -21.07 6.19 7.72
C THR A 209 -20.37 4.87 7.36
N LEU A 210 -20.63 4.39 6.14
CA LEU A 210 -19.98 3.19 5.62
C LEU A 210 -19.40 3.44 4.23
N TYR A 211 -18.13 3.08 4.05
CA TYR A 211 -17.43 3.25 2.77
C TYR A 211 -16.91 1.92 2.22
N THR A 212 -17.57 1.43 1.17
CA THR A 212 -17.20 0.17 0.51
C THR A 212 -16.23 0.45 -0.66
N LYS A 213 -15.40 -0.54 -0.99
CA LYS A 213 -14.54 -0.48 -2.18
C LYS A 213 -15.35 -0.36 -3.46
N LYS A 214 -14.88 0.49 -4.37
CA LYS A 214 -15.50 0.65 -5.69
C LYS A 214 -15.32 -0.60 -6.54
N LEU A 215 -16.23 -0.83 -7.49
CA LEU A 215 -16.14 -1.96 -8.40
C LEU A 215 -14.87 -1.90 -9.25
N GLU A 216 -14.23 -3.05 -9.44
CA GLU A 216 -13.01 -3.16 -10.23
C GLU A 216 -13.29 -3.74 -11.61
N HIS A 217 -12.63 -3.18 -12.63
CA HIS A 217 -12.62 -3.79 -13.96
C HIS A 217 -11.80 -5.05 -13.92
N HIS A 218 -12.23 -6.05 -14.68
CA HIS A 218 -11.45 -7.29 -14.80
C HIS A 218 -10.36 -7.09 -15.80
N HIS A 219 -9.14 -6.88 -15.29
CA HIS A 219 -7.96 -6.66 -16.12
C HIS A 219 -7.15 -7.91 -16.31
N HIS A 220 -6.91 -8.63 -15.21
CA HIS A 220 -6.19 -9.91 -15.24
C HIS A 220 -6.43 -10.72 -14.00
N HIS A 221 -6.80 -11.98 -14.20
CA HIS A 221 -6.84 -12.97 -13.13
C HIS A 221 -5.68 -13.91 -13.30
N HIS A 222 -5.07 -14.32 -12.20
CA HIS A 222 -3.89 -15.17 -12.24
C HIS A 222 -4.19 -16.60 -12.62
N HIS A 223 -3.95 -16.92 -13.89
CA HIS A 223 -4.12 -18.28 -14.41
C HIS A 223 -2.84 -19.06 -14.28
N HIS A 224 -2.97 -20.36 -14.04
CA HIS A 224 -1.82 -21.24 -13.84
C HIS A 224 -1.60 -22.13 -15.01
N VAL B 1 11.30 13.54 -6.16
CA VAL B 1 12.07 12.46 -6.86
C VAL B 1 11.10 11.39 -7.37
N PRO B 2 11.16 11.08 -8.68
CA PRO B 2 10.29 10.05 -9.25
C PRO B 2 10.62 8.66 -8.70
N VAL B 3 9.58 7.94 -8.29
CA VAL B 3 9.73 6.57 -7.81
C VAL B 3 9.26 5.63 -8.91
N VAL B 4 10.20 4.95 -9.56
CA VAL B 4 9.92 4.14 -10.75
C VAL B 4 10.26 2.67 -10.51
N GLY B 5 9.28 1.80 -10.72
CA GLY B 5 9.48 0.36 -10.62
C GLY B 5 10.01 -0.21 -11.93
N ILE B 6 11.05 -1.03 -11.84
CA ILE B 6 11.64 -1.65 -13.03
C ILE B 6 11.63 -3.18 -12.89
N VAL B 7 11.05 -3.86 -13.90
CA VAL B 7 10.84 -5.30 -13.87
C VAL B 7 10.85 -5.95 -15.26
N ALA B 8 11.30 -7.21 -15.33
CA ALA B 8 11.21 -8.02 -16.54
C ALA B 8 10.27 -9.20 -16.30
N ALA B 9 9.19 -9.26 -17.05
CA ALA B 9 8.15 -10.28 -16.87
C ALA B 9 7.85 -11.02 -18.16
N LEU B 10 7.35 -12.25 -18.03
CA LEU B 10 6.97 -13.07 -19.17
C LEU B 10 5.45 -13.14 -19.33
N LEU B 11 4.96 -12.73 -20.49
CA LEU B 11 3.53 -12.74 -20.79
C LEU B 11 3.00 -14.17 -21.00
N PRO B 12 1.70 -14.42 -20.75
CA PRO B 12 0.65 -13.49 -20.35
C PRO B 12 0.43 -13.34 -18.84
N GLU B 13 0.98 -14.27 -18.06
CA GLU B 13 0.77 -14.28 -16.60
C GLU B 13 1.67 -13.30 -15.85
N MET B 14 2.68 -12.77 -16.54
CA MET B 14 3.69 -11.88 -15.97
C MET B 14 4.49 -12.51 -14.83
N GLY B 15 5.19 -13.60 -15.15
CA GLY B 15 6.09 -14.27 -14.20
C GLY B 15 7.44 -13.60 -14.18
N ILE B 16 8.01 -13.46 -12.98
CA ILE B 16 9.25 -12.71 -12.80
C ILE B 16 10.42 -13.56 -12.27
N GLY B 17 10.10 -14.64 -11.56
CA GLY B 17 11.13 -15.47 -10.94
C GLY B 17 10.74 -16.92 -10.69
N PHE B 18 11.74 -17.74 -10.41
CA PHE B 18 11.55 -19.15 -10.10
C PHE B 18 12.64 -19.62 -9.13
N GLN B 19 12.21 -20.03 -7.94
CA GLN B 19 13.09 -20.53 -6.88
C GLN B 19 14.27 -19.58 -6.60
N GLY B 20 13.94 -18.30 -6.37
CA GLY B 20 14.94 -17.28 -6.05
C GLY B 20 15.91 -16.92 -7.15
N ASN B 21 15.50 -17.15 -8.41
CA ASN B 21 16.32 -16.85 -9.59
C ASN B 21 15.49 -16.33 -10.76
N LEU B 22 16.14 -15.59 -11.66
CA LEU B 22 15.54 -15.19 -12.92
C LEU B 22 15.36 -16.42 -13.82
N PRO B 23 14.15 -16.63 -14.38
CA PRO B 23 13.85 -17.83 -15.17
C PRO B 23 14.48 -17.81 -16.57
N TRP B 24 15.36 -16.85 -16.83
CA TRP B 24 16.05 -16.70 -18.10
C TRP B 24 17.33 -15.93 -17.91
N ARG B 25 18.22 -16.02 -18.89
CA ARG B 25 19.38 -15.13 -18.93
C ARG B 25 19.47 -14.43 -20.28
N LEU B 26 19.20 -13.13 -20.29
CA LEU B 26 19.24 -12.33 -21.51
C LEU B 26 20.23 -11.18 -21.35
N ALA B 27 21.29 -11.23 -22.15
CA ALA B 27 22.38 -10.26 -22.09
C ALA B 27 21.94 -8.84 -22.46
N LYS B 28 21.08 -8.73 -23.48
CA LYS B 28 20.54 -7.43 -23.91
C LYS B 28 19.48 -6.85 -22.97
N GLU B 29 18.84 -7.72 -22.19
CA GLU B 29 17.87 -7.28 -21.18
C GLU B 29 18.60 -6.80 -19.92
N MET B 30 19.71 -7.47 -19.61
CA MET B 30 20.59 -7.04 -18.51
C MET B 30 21.25 -5.70 -18.85
N LYS B 31 21.68 -5.57 -20.11
CA LYS B 31 22.30 -4.34 -20.62
C LYS B 31 21.36 -3.15 -20.46
N TYR B 32 20.09 -3.34 -20.81
CA TYR B 32 19.05 -2.33 -20.63
C TYR B 32 18.86 -1.98 -19.16
N PHE B 33 18.68 -2.99 -18.32
CA PHE B 33 18.50 -2.79 -16.88
C PHE B 33 19.67 -2.03 -16.24
N ARG B 34 20.90 -2.44 -16.54
CA ARG B 34 22.10 -1.80 -16.02
C ARG B 34 22.17 -0.32 -16.40
N GLU B 35 21.94 -0.02 -17.66
CA GLU B 35 22.10 1.34 -18.19
C GLU B 35 21.01 2.31 -17.71
N VAL B 36 19.77 1.85 -17.67
CA VAL B 36 18.63 2.66 -17.22
C VAL B 36 18.81 3.08 -15.76
N THR B 37 19.17 2.12 -14.91
CA THR B 37 19.31 2.35 -13.48
C THR B 37 20.56 3.15 -13.11
N THR B 38 21.60 3.02 -13.93
CA THR B 38 22.88 3.71 -13.70
C THR B 38 22.85 5.14 -14.24
N LEU B 39 22.55 5.29 -15.53
CA LEU B 39 22.68 6.57 -16.20
C LEU B 39 21.69 7.62 -15.70
N THR B 40 22.15 8.87 -15.69
CA THR B 40 21.37 10.01 -15.24
C THR B 40 21.47 11.17 -16.24
N ASN B 41 20.63 12.19 -16.05
CA ASN B 41 20.71 13.41 -16.85
C ASN B 41 21.69 14.40 -16.23
N ASP B 42 21.67 14.48 -14.89
CA ASP B 42 22.63 15.30 -14.15
C ASP B 42 23.86 14.45 -13.83
N ASN B 43 25.01 14.90 -14.29
CA ASN B 43 26.28 14.17 -14.14
C ASN B 43 26.73 13.96 -12.69
N SER B 44 26.25 14.83 -11.80
CA SER B 44 26.61 14.79 -10.39
C SER B 44 25.55 14.10 -9.53
N LYS B 45 24.57 13.49 -10.19
CA LYS B 45 23.53 12.73 -9.50
C LYS B 45 23.68 11.23 -9.75
N GLN B 46 23.31 10.45 -8.75
CA GLN B 46 23.23 8.99 -8.88
C GLN B 46 21.81 8.52 -8.54
N ASN B 47 21.36 7.47 -9.21
CA ASN B 47 20.06 6.87 -8.90
C ASN B 47 20.15 5.91 -7.72
N VAL B 48 18.98 5.60 -7.15
CA VAL B 48 18.89 4.64 -6.06
C VAL B 48 18.24 3.34 -6.57
N VAL B 49 18.81 2.22 -6.14
CA VAL B 49 18.19 0.91 -6.37
C VAL B 49 17.73 0.31 -5.04
N ILE B 50 16.42 0.02 -4.95
CA ILE B 50 15.84 -0.58 -3.76
C ILE B 50 15.38 -2.01 -4.05
N MET B 51 15.79 -2.94 -3.18
CA MET B 51 15.46 -4.35 -3.35
C MET B 51 15.12 -5.02 -2.03
N GLY B 52 14.39 -6.13 -2.12
CA GLY B 52 14.13 -6.96 -0.97
C GLY B 52 15.36 -7.76 -0.58
N ARG B 53 15.35 -8.27 0.65
CA ARG B 53 16.46 -9.04 1.19
C ARG B 53 16.74 -10.30 0.36
N LYS B 54 15.67 -10.91 -0.16
CA LYS B 54 15.79 -12.14 -0.94
C LYS B 54 16.33 -11.91 -2.34
N THR B 55 15.97 -10.78 -2.95
CA THR B 55 16.53 -10.39 -4.25
C THR B 55 18.02 -10.10 -4.13
N TRP B 56 18.40 -9.45 -3.02
CA TRP B 56 19.80 -9.16 -2.70
C TRP B 56 20.62 -10.42 -2.56
N GLU B 57 20.07 -11.40 -1.85
CA GLU B 57 20.76 -12.66 -1.56
C GLU B 57 20.97 -13.56 -2.78
N SER B 58 20.32 -13.22 -3.90
CA SER B 58 20.46 -14.00 -5.14
C SER B 58 21.17 -13.25 -6.27
N ILE B 59 21.77 -12.12 -5.94
CA ILE B 59 22.66 -11.41 -6.87
C ILE B 59 24.09 -11.88 -6.64
N PRO B 60 24.77 -12.34 -7.71
CA PRO B 60 26.16 -12.80 -7.59
C PRO B 60 27.05 -11.80 -6.87
N GLN B 61 27.87 -12.30 -5.94
CA GLN B 61 28.74 -11.47 -5.09
C GLN B 61 29.76 -10.65 -5.86
N LYS B 62 30.12 -11.11 -7.06
CA LYS B 62 31.00 -10.38 -7.96
C LYS B 62 30.41 -9.06 -8.43
N PHE B 63 29.08 -8.96 -8.40
CA PHE B 63 28.38 -7.83 -9.00
C PHE B 63 27.54 -6.98 -8.02
N ARG B 64 27.60 -7.33 -6.74
CA ARG B 64 26.89 -6.55 -5.71
C ARG B 64 27.81 -6.01 -4.61
N PRO B 65 27.54 -4.77 -4.12
CA PRO B 65 26.45 -3.87 -4.55
C PRO B 65 26.61 -3.43 -6.01
N LEU B 66 25.49 -3.18 -6.67
CA LEU B 66 25.48 -2.80 -8.08
C LEU B 66 26.16 -1.45 -8.27
N PRO B 67 27.25 -1.42 -9.09
CA PRO B 67 28.14 -0.27 -9.26
C PRO B 67 27.44 1.01 -9.71
N LYS B 68 27.97 2.15 -9.27
CA LYS B 68 27.52 3.49 -9.69
C LYS B 68 26.09 3.83 -9.24
N ARG B 69 25.50 2.97 -8.42
CA ARG B 69 24.15 3.15 -7.90
C ARG B 69 24.10 2.92 -6.39
N ILE B 70 23.32 3.75 -5.69
CA ILE B 70 23.13 3.58 -4.26
C ILE B 70 22.18 2.40 -4.00
N ASN B 71 22.70 1.39 -3.31
CA ASN B 71 21.94 0.18 -3.01
C ASN B 71 21.21 0.28 -1.67
N VAL B 72 19.93 -0.08 -1.67
CA VAL B 72 19.13 -0.13 -0.45
C VAL B 72 18.45 -1.49 -0.34
N VAL B 73 18.75 -2.21 0.73
CA VAL B 73 18.19 -3.54 0.98
C VAL B 73 17.17 -3.48 2.12
N VAL B 74 15.94 -3.91 1.85
CA VAL B 74 14.90 -3.87 2.88
C VAL B 74 14.64 -5.22 3.55
N SER B 75 14.70 -5.21 4.88
CA SER B 75 14.37 -6.37 5.71
C SER B 75 13.80 -5.89 7.04
N ARG B 76 12.77 -6.58 7.52
CA ARG B 76 12.12 -6.24 8.78
C ARG B 76 13.03 -6.53 9.98
N SER B 77 14.08 -7.31 9.74
CA SER B 77 15.08 -7.64 10.76
C SER B 77 16.13 -6.55 10.95
N PHE B 78 16.25 -5.65 9.98
CA PHE B 78 17.21 -4.54 10.04
C PHE B 78 16.81 -3.49 11.09
N ASP B 79 17.79 -2.67 11.51
CA ASP B 79 17.59 -1.69 12.58
C ASP B 79 16.79 -0.46 12.16
N GLY B 80 17.48 0.55 11.62
CA GLY B 80 16.87 1.84 11.30
C GLY B 80 16.09 1.88 9.99
N GLU B 81 15.25 2.90 9.85
CA GLU B 81 14.44 3.09 8.64
C GLU B 81 15.29 3.43 7.41
N LEU B 82 16.51 3.87 7.65
CA LEU B 82 17.55 4.02 6.64
C LEU B 82 18.89 4.08 7.37
N ARG B 83 19.84 3.25 6.94
CA ARG B 83 21.12 3.13 7.64
C ARG B 83 22.24 2.66 6.71
N LYS B 84 23.41 3.26 6.86
CA LYS B 84 24.60 2.84 6.14
C LYS B 84 25.23 1.65 6.86
N VAL B 85 25.62 0.62 6.11
CA VAL B 85 26.28 -0.55 6.68
C VAL B 85 27.62 -0.85 6.00
N GLU B 86 27.70 -0.54 4.72
CA GLU B 86 28.92 -0.73 3.93
C GLU B 86 29.13 0.47 3.01
N ASP B 87 30.27 0.52 2.34
CA ASP B 87 30.50 1.54 1.32
C ASP B 87 29.58 1.27 0.13
N GLY B 88 28.43 1.95 0.09
CA GLY B 88 27.47 1.80 -1.00
C GLY B 88 26.25 0.94 -0.70
N ILE B 89 26.22 0.36 0.50
CA ILE B 89 25.08 -0.47 0.91
C ILE B 89 24.32 0.16 2.07
N TYR B 90 23.00 0.29 1.90
CA TYR B 90 22.12 0.80 2.93
C TYR B 90 21.10 -0.26 3.35
N HIS B 91 20.94 -0.43 4.66
CA HIS B 91 19.93 -1.35 5.20
C HIS B 91 18.75 -0.59 5.71
N SER B 92 17.56 -1.09 5.41
CA SER B 92 16.30 -0.44 5.83
C SER B 92 15.29 -1.45 6.34
N ASN B 93 14.42 -1.01 7.25
CA ASN B 93 13.40 -1.89 7.82
C ASN B 93 11.96 -1.47 7.47
N SER B 94 11.84 -0.58 6.48
CA SER B 94 10.54 -0.17 5.96
C SER B 94 10.69 0.43 4.56
N LEU B 95 10.01 -0.17 3.60
CA LEU B 95 9.99 0.33 2.23
C LEU B 95 9.39 1.74 2.15
N ARG B 96 8.27 1.93 2.85
CA ARG B 96 7.56 3.21 2.86
C ARG B 96 8.38 4.34 3.48
N ASN B 97 9.00 4.07 4.63
CA ASN B 97 9.79 5.07 5.35
C ASN B 97 11.10 5.41 4.66
N CYS B 98 11.75 4.41 4.08
CA CYS B 98 13.02 4.63 3.38
C CYS B 98 12.82 5.52 2.17
N LEU B 99 11.67 5.38 1.50
CA LEU B 99 11.29 6.27 0.40
C LEU B 99 11.12 7.70 0.89
N THR B 100 10.41 7.88 2.00
CA THR B 100 10.20 9.19 2.61
C THR B 100 11.53 9.80 3.07
N ALA B 101 12.41 8.96 3.61
CA ALA B 101 13.74 9.37 4.06
C ALA B 101 14.59 9.90 2.89
N LEU B 102 14.49 9.22 1.75
CA LEU B 102 15.19 9.64 0.53
C LEU B 102 14.61 10.94 -0.04
N GLN B 103 13.31 11.13 0.12
CA GLN B 103 12.61 12.32 -0.40
C GLN B 103 13.05 13.63 0.27
N SER B 104 13.60 13.52 1.48
CA SER B 104 14.09 14.67 2.25
C SER B 104 15.27 15.36 1.56
N SER B 105 15.05 16.62 1.17
CA SER B 105 16.04 17.42 0.44
C SER B 105 17.27 17.79 1.26
N LEU B 106 17.18 17.60 2.58
CA LEU B 106 18.31 17.80 3.46
C LEU B 106 19.26 16.61 3.41
N ALA B 107 18.69 15.40 3.50
CA ALA B 107 19.45 14.15 3.50
C ALA B 107 20.08 13.86 2.14
N ASN B 108 19.26 13.86 1.10
CA ASN B 108 19.73 13.58 -0.26
C ASN B 108 20.42 14.76 -0.93
N GLU B 109 20.14 15.97 -0.44
CA GLU B 109 20.65 17.23 -1.02
C GLU B 109 20.54 17.32 -2.55
N ASN B 110 19.39 16.87 -3.06
CA ASN B 110 19.12 16.83 -4.50
C ASN B 110 20.27 16.21 -5.29
N LYS B 111 20.77 15.07 -4.81
CA LYS B 111 21.82 14.31 -5.48
C LYS B 111 21.29 12.98 -6.02
N ILE B 112 20.03 12.70 -5.71
CA ILE B 112 19.30 11.57 -6.27
C ILE B 112 18.46 12.06 -7.45
N GLU B 113 18.60 11.40 -8.59
CA GLU B 113 17.76 11.73 -9.74
C GLU B 113 16.48 10.91 -9.73
N ARG B 114 16.61 9.58 -9.69
CA ARG B 114 15.46 8.69 -9.63
C ARG B 114 15.63 7.54 -8.64
N ILE B 115 14.53 7.11 -8.04
CA ILE B 115 14.51 5.96 -7.16
C ILE B 115 13.89 4.77 -7.87
N TYR B 116 14.74 3.84 -8.32
CA TYR B 116 14.28 2.64 -8.99
C TYR B 116 14.03 1.51 -7.99
N ILE B 117 12.84 0.93 -8.06
CA ILE B 117 12.54 -0.27 -7.28
C ILE B 117 12.84 -1.50 -8.15
N ILE B 118 14.04 -2.06 -7.97
CA ILE B 118 14.45 -3.27 -8.67
C ILE B 118 13.77 -4.49 -8.04
N GLY B 119 13.23 -4.27 -6.85
CA GLY B 119 12.15 -5.07 -6.29
C GLY B 119 12.35 -6.51 -5.85
N GLY B 120 11.60 -7.40 -6.49
CA GLY B 120 11.34 -8.74 -5.99
C GLY B 120 9.83 -8.86 -5.79
N GLY B 121 9.31 -10.08 -5.89
CA GLY B 121 7.86 -10.33 -5.83
C GLY B 121 7.09 -9.60 -4.74
N GLU B 122 7.56 -9.73 -3.51
CA GLU B 122 6.92 -9.11 -2.34
C GLU B 122 7.08 -7.59 -2.34
N ILE B 123 8.21 -7.11 -2.84
CA ILE B 123 8.46 -5.67 -2.95
C ILE B 123 7.59 -5.02 -4.02
N TYR B 124 7.50 -5.67 -5.18
CA TYR B 124 6.70 -5.18 -6.31
C TYR B 124 5.21 -5.03 -5.98
N ARG B 125 4.66 -5.98 -5.23
CA ARG B 125 3.25 -5.95 -4.82
C ARG B 125 2.93 -4.72 -3.97
N GLN B 126 3.87 -4.35 -3.10
CA GLN B 126 3.74 -3.15 -2.27
C GLN B 126 4.05 -1.88 -3.06
N SER B 127 4.80 -2.03 -4.15
CA SER B 127 5.22 -0.91 -4.97
C SER B 127 4.11 -0.32 -5.85
N MET B 128 3.05 -1.11 -6.06
CA MET B 128 1.92 -0.68 -6.88
C MET B 128 1.27 0.59 -6.32
N ASP B 129 1.15 0.64 -4.99
CA ASP B 129 0.53 1.77 -4.32
C ASP B 129 1.54 2.88 -4.02
N LEU B 130 2.76 2.72 -4.54
CA LEU B 130 3.88 3.62 -4.22
C LEU B 130 4.53 4.27 -5.45
N ALA B 131 4.67 3.51 -6.53
CA ALA B 131 5.42 3.95 -7.71
C ALA B 131 4.64 4.91 -8.61
N ASP B 132 5.36 5.86 -9.21
CA ASP B 132 4.81 6.78 -10.20
C ASP B 132 4.76 6.13 -11.57
N HIS B 133 5.90 5.63 -12.02
CA HIS B 133 6.03 4.99 -13.33
C HIS B 133 6.45 3.55 -13.19
N TRP B 134 6.22 2.77 -14.24
CA TRP B 134 6.66 1.38 -14.29
C TRP B 134 7.35 1.09 -15.58
N LEU B 135 8.61 0.64 -15.48
CA LEU B 135 9.34 0.17 -16.66
C LEU B 135 9.28 -1.36 -16.72
N ILE B 136 8.36 -1.87 -17.53
CA ILE B 136 8.19 -3.32 -17.68
C ILE B 136 8.78 -3.80 -19.00
N THR B 137 9.65 -4.81 -18.90
CA THR B 137 10.11 -5.54 -20.07
C THR B 137 9.19 -6.74 -20.26
N LYS B 138 8.25 -6.61 -21.19
CA LYS B 138 7.32 -7.69 -21.51
C LYS B 138 7.99 -8.71 -22.42
N ILE B 139 8.20 -9.91 -21.89
CA ILE B 139 8.93 -10.96 -22.61
C ILE B 139 8.00 -12.06 -23.11
N MET B 140 8.18 -12.43 -24.38
CA MET B 140 7.37 -13.47 -25.00
C MET B 140 8.25 -14.61 -25.51
N PRO B 141 7.84 -15.86 -25.23
CA PRO B 141 8.54 -16.99 -25.83
C PRO B 141 8.19 -17.11 -27.31
N LEU B 142 9.20 -17.33 -28.14
CA LEU B 142 8.99 -17.52 -29.58
C LEU B 142 8.33 -18.88 -29.85
N PRO B 143 7.72 -19.06 -31.05
CA PRO B 143 7.10 -20.36 -31.37
C PRO B 143 8.03 -21.55 -31.17
N GLU B 144 9.33 -21.32 -31.29
CA GLU B 144 10.37 -22.34 -31.12
C GLU B 144 10.66 -22.70 -29.65
N THR B 145 10.20 -21.85 -28.73
CA THR B 145 10.67 -21.85 -27.34
C THR B 145 9.69 -22.45 -26.33
N THR B 146 10.25 -23.08 -25.31
CA THR B 146 9.50 -23.62 -24.18
C THR B 146 9.30 -22.54 -23.12
N ILE B 147 8.06 -22.39 -22.66
CA ILE B 147 7.72 -21.50 -21.55
C ILE B 147 8.35 -22.04 -20.27
N PRO B 148 9.23 -21.23 -19.63
CA PRO B 148 9.92 -21.67 -18.42
C PRO B 148 9.02 -21.65 -17.19
N GLN B 149 9.30 -22.54 -16.24
CA GLN B 149 8.55 -22.60 -14.99
C GLN B 149 8.91 -21.42 -14.09
N MET B 150 7.88 -20.79 -13.50
CA MET B 150 8.04 -19.60 -12.67
C MET B 150 7.09 -19.65 -11.47
N ASP B 151 7.56 -19.24 -10.30
CA ASP B 151 6.74 -19.27 -9.08
C ASP B 151 6.40 -17.89 -8.51
N THR B 152 7.05 -16.85 -9.02
CA THR B 152 6.81 -15.47 -8.60
C THR B 152 6.19 -14.67 -9.74
N PHE B 153 5.18 -13.85 -9.41
CA PHE B 153 4.39 -13.15 -10.43
C PHE B 153 4.12 -11.68 -10.08
N LEU B 154 4.21 -10.81 -11.08
CA LEU B 154 3.85 -9.40 -10.91
C LEU B 154 2.33 -9.25 -10.96
N GLN B 155 1.79 -8.45 -10.03
CA GLN B 155 0.34 -8.23 -9.98
C GLN B 155 -0.15 -7.37 -11.14
N LYS B 156 -0.62 -8.03 -12.18
CA LYS B 156 -1.07 -7.39 -13.41
C LYS B 156 -2.38 -6.63 -13.21
N GLN B 157 -3.25 -7.16 -12.36
CA GLN B 157 -4.54 -6.53 -12.06
C GLN B 157 -4.32 -5.18 -11.38
N GLU B 158 -3.46 -5.17 -10.36
CA GLU B 158 -3.08 -3.96 -9.64
C GLU B 158 -2.38 -2.95 -10.56
N LEU B 159 -1.63 -3.43 -11.55
CA LEU B 159 -0.92 -2.57 -12.49
C LEU B 159 -1.87 -1.83 -13.42
N GLU B 160 -2.84 -2.53 -13.98
CA GLU B 160 -3.73 -1.95 -14.99
C GLU B 160 -4.88 -1.12 -14.39
N GLN B 161 -5.02 -1.17 -13.07
CA GLN B 161 -5.96 -0.29 -12.36
C GLN B 161 -5.39 1.12 -12.21
N ARG B 162 -4.12 1.20 -11.82
CA ARG B 162 -3.48 2.48 -11.53
C ARG B 162 -2.72 3.08 -12.71
N PHE B 163 -2.26 2.22 -13.62
CA PHE B 163 -1.34 2.65 -14.68
C PHE B 163 -1.88 2.40 -16.08
N TYR B 164 -1.41 3.21 -17.03
CA TYR B 164 -1.76 3.06 -18.43
C TYR B 164 -0.50 2.87 -19.28
N ASP B 165 -0.66 2.32 -20.47
CA ASP B 165 0.46 2.11 -21.39
C ASP B 165 0.93 3.44 -21.98
N ASN B 166 2.03 3.97 -21.42
CA ASN B 166 2.63 5.22 -21.88
C ASN B 166 3.96 4.98 -22.61
N SER B 167 3.99 3.94 -23.44
CA SER B 167 5.23 3.54 -24.12
C SER B 167 5.66 4.53 -25.19
N ASP B 168 4.72 5.34 -25.67
CA ASP B 168 5.01 6.38 -26.68
C ASP B 168 5.98 7.43 -26.13
N LYS B 169 6.03 7.58 -24.81
CA LYS B 169 6.90 8.56 -24.17
C LYS B 169 8.10 7.91 -23.50
N LEU B 170 8.41 6.68 -23.88
CA LEU B 170 9.54 5.92 -23.30
C LEU B 170 10.90 6.57 -23.56
N VAL B 171 11.19 6.83 -24.84
CA VAL B 171 12.47 7.42 -25.26
C VAL B 171 12.75 8.77 -24.58
N ASP B 172 11.70 9.57 -24.42
CA ASP B 172 11.79 10.87 -23.73
C ASP B 172 12.02 10.68 -22.23
N PHE B 173 11.43 9.62 -21.68
CA PHE B 173 11.50 9.33 -20.25
C PHE B 173 12.87 8.79 -19.84
N LEU B 174 13.47 7.97 -20.70
CA LEU B 174 14.78 7.37 -20.42
C LEU B 174 15.90 8.43 -20.50
N PRO B 175 16.99 8.24 -19.74
CA PRO B 175 18.12 9.17 -19.77
C PRO B 175 18.61 9.45 -21.19
N SER B 176 18.94 10.71 -21.47
CA SER B 176 19.32 11.13 -22.83
C SER B 176 20.52 10.39 -23.42
N SER B 177 21.35 9.80 -22.57
CA SER B 177 22.58 9.14 -23.01
C SER B 177 22.42 7.69 -23.47
N ILE B 178 21.32 7.04 -23.09
CA ILE B 178 21.04 5.65 -23.52
C ILE B 178 20.60 5.61 -24.99
N GLN B 179 20.90 4.50 -25.66
CA GLN B 179 20.44 4.28 -27.04
C GLN B 179 19.81 2.91 -27.23
N LEU B 180 18.83 2.83 -28.14
CA LEU B 180 18.10 1.60 -28.39
C LEU B 180 18.10 1.21 -29.87
N GLU B 181 17.93 -0.08 -30.15
CA GLU B 181 18.04 -0.62 -31.51
C GLU B 181 16.68 -0.98 -32.13
N GLY B 182 15.73 -0.06 -32.04
CA GLY B 182 14.40 -0.31 -32.59
C GLY B 182 13.53 0.91 -32.78
N ARG B 183 12.32 0.69 -33.32
CA ARG B 183 11.32 1.73 -33.49
C ARG B 183 10.06 1.31 -32.72
N LEU B 184 9.31 2.28 -32.21
CA LEU B 184 8.09 1.99 -31.44
C LEU B 184 7.10 1.17 -32.26
N THR B 185 6.69 0.04 -31.71
CA THR B 185 5.85 -0.92 -32.43
C THR B 185 4.72 -1.46 -31.56
N SER B 186 3.52 -1.52 -32.14
CA SER B 186 2.37 -2.16 -31.53
C SER B 186 2.22 -3.57 -32.10
N GLN B 187 2.00 -4.54 -31.22
CA GLN B 187 1.80 -5.93 -31.64
C GLN B 187 0.78 -6.63 -30.74
N GLU B 188 -0.07 -7.45 -31.36
CA GLU B 188 -1.08 -8.23 -30.65
C GLU B 188 -0.49 -9.59 -30.27
N TRP B 189 -0.67 -9.98 -29.00
CA TRP B 189 -0.15 -11.26 -28.52
C TRP B 189 -1.04 -11.86 -27.46
N ASN B 190 -1.61 -13.02 -27.79
CA ASN B 190 -2.54 -13.75 -26.92
C ASN B 190 -3.70 -12.92 -26.35
N GLY B 191 -4.26 -12.06 -27.20
CA GLY B 191 -5.43 -11.26 -26.85
C GLY B 191 -5.15 -9.84 -26.39
N GLU B 192 -3.94 -9.61 -25.91
CA GLU B 192 -3.55 -8.30 -25.37
C GLU B 192 -2.67 -7.51 -26.35
N LEU B 193 -2.67 -6.18 -26.19
CA LEU B 193 -1.82 -5.29 -26.98
C LEU B 193 -0.46 -5.10 -26.32
N VAL B 194 0.61 -5.33 -27.08
CA VAL B 194 1.98 -5.14 -26.62
C VAL B 194 2.60 -3.97 -27.41
N LYS B 195 3.00 -2.93 -26.69
CA LYS B 195 3.53 -1.72 -27.31
C LYS B 195 4.84 -1.27 -26.64
N GLY B 196 5.86 -1.02 -27.45
CA GLY B 196 7.16 -0.60 -26.96
C GLY B 196 8.25 -0.80 -28.00
N LEU B 197 9.50 -0.88 -27.54
CA LEU B 197 10.62 -1.10 -28.45
C LEU B 197 11.08 -2.56 -28.45
N PRO B 198 11.04 -3.20 -29.64
CA PRO B 198 11.23 -4.65 -29.73
C PRO B 198 12.69 -5.09 -29.86
N VAL B 199 13.06 -6.05 -29.00
CA VAL B 199 14.38 -6.67 -29.03
C VAL B 199 14.19 -8.18 -29.00
N GLN B 200 15.12 -8.91 -29.61
CA GLN B 200 15.08 -10.38 -29.64
C GLN B 200 16.42 -11.00 -29.25
N GLU B 201 16.37 -11.96 -28.33
CA GLU B 201 17.55 -12.70 -27.89
C GLU B 201 17.13 -14.11 -27.48
N LYS B 202 18.04 -15.08 -27.70
CA LYS B 202 17.77 -16.51 -27.51
C LYS B 202 16.47 -16.92 -28.20
N GLY B 203 15.54 -17.48 -27.42
CA GLY B 203 14.22 -17.83 -27.93
C GLY B 203 13.15 -16.88 -27.42
N TYR B 204 13.52 -15.63 -27.22
CA TYR B 204 12.59 -14.63 -26.69
C TYR B 204 12.57 -13.36 -27.53
N GLN B 205 11.38 -12.79 -27.68
CA GLN B 205 11.24 -11.43 -28.19
C GLN B 205 10.60 -10.59 -27.09
N PHE B 206 11.29 -9.53 -26.68
CA PHE B 206 10.77 -8.66 -25.62
C PHE B 206 10.53 -7.21 -26.03
N TYR B 207 9.65 -6.56 -25.29
CA TYR B 207 9.28 -5.16 -25.53
C TYR B 207 9.52 -4.32 -24.28
N PHE B 208 10.27 -3.22 -24.44
CA PHE B 208 10.48 -2.28 -23.35
C PHE B 208 9.32 -1.29 -23.28
N THR B 209 8.65 -1.25 -22.13
CA THR B 209 7.44 -0.45 -21.97
C THR B 209 7.53 0.57 -20.83
N LEU B 210 6.65 1.57 -20.86
CA LEU B 210 6.49 2.53 -19.77
C LEU B 210 5.03 2.58 -19.33
N TYR B 211 4.82 2.48 -18.02
CA TYR B 211 3.47 2.54 -17.44
C TYR B 211 3.37 3.68 -16.44
N THR B 212 2.72 4.77 -16.88
CA THR B 212 2.54 5.96 -16.05
C THR B 212 1.22 5.87 -15.27
N LYS B 213 1.19 6.51 -14.11
CA LYS B 213 -0.01 6.56 -13.27
C LYS B 213 -1.13 7.34 -13.97
N LYS B 214 -2.36 6.87 -13.80
CA LYS B 214 -3.54 7.51 -14.39
C LYS B 214 -3.87 8.83 -13.68
N LEU B 215 -4.63 9.69 -14.34
CA LEU B 215 -5.14 10.92 -13.74
C LEU B 215 -6.07 10.61 -12.58
N GLU B 216 -6.03 11.45 -11.56
CA GLU B 216 -6.88 11.28 -10.39
C GLU B 216 -7.88 12.43 -10.26
N HIS B 217 -9.11 12.09 -9.86
CA HIS B 217 -10.14 13.07 -9.54
C HIS B 217 -9.75 13.83 -8.31
N HIS B 218 -9.94 15.15 -8.33
CA HIS B 218 -9.66 15.99 -7.18
C HIS B 218 -10.77 15.87 -6.18
N HIS B 219 -10.56 15.02 -5.18
CA HIS B 219 -11.55 14.76 -4.14
C HIS B 219 -11.32 15.60 -2.91
N HIS B 220 -10.06 15.74 -2.52
CA HIS B 220 -9.68 16.59 -1.39
C HIS B 220 -8.22 16.93 -1.39
N HIS B 221 -7.92 18.18 -1.03
CA HIS B 221 -6.56 18.62 -0.74
C HIS B 221 -6.50 19.15 0.66
N HIS B 222 -5.38 18.91 1.34
CA HIS B 222 -5.25 19.31 2.74
C HIS B 222 -5.04 20.79 2.91
N HIS B 223 -6.13 21.48 3.25
CA HIS B 223 -6.09 22.91 3.59
C HIS B 223 -5.82 23.07 5.06
N HIS B 224 -5.04 24.08 5.41
CA HIS B 224 -4.62 24.28 6.80
C HIS B 224 -5.40 25.40 7.45
PA NDP C . 0.09 4.99 14.88
O1A NDP C . -0.41 4.60 13.51
O2A NDP C . -0.25 4.16 16.08
O5B NDP C . 1.69 5.18 14.81
C5B NDP C . 2.47 4.52 13.83
C4B NDP C . 3.40 3.52 14.52
O4B NDP C . 2.97 2.19 14.23
C3B NDP C . 4.83 3.63 14.02
O3B NDP C . 5.62 4.49 14.87
C2B NDP C . 5.34 2.21 14.01
O2B NDP C . 5.91 1.84 15.27
C1B NDP C . 4.08 1.37 13.81
N9A NDP C . 3.91 0.96 12.39
C8A NDP C . 3.46 1.73 11.38
N7A NDP C . 3.43 1.06 10.21
C5A NDP C . 3.85 -0.20 10.46
C6A NDP C . 4.04 -1.44 9.67
N6A NDP C . 3.78 -1.48 8.34
N1A NDP C . 4.50 -2.54 10.31
C2A NDP C . 4.77 -2.52 11.63
N3A NDP C . 4.62 -1.43 12.41
C4A NDP C . 4.16 -0.26 11.90
O3 NDP C . -0.45 6.48 15.20
PN NDP C . 0.15 7.80 14.52
O1N NDP C . 1.49 8.11 15.16
O2N NDP C . 0.05 7.67 13.01
O5D NDP C . -0.90 8.92 15.01
C5D NDP C . -1.44 8.86 16.33
C4D NDP C . -2.70 9.71 16.38
O4D NDP C . -3.81 9.00 15.85
C3D NDP C . -3.06 10.09 17.81
O3D NDP C . -3.07 11.51 17.91
C2D NDP C . -4.44 9.50 18.03
O2D NDP C . -5.30 10.38 18.75
C1D NDP C . -4.97 9.28 16.62
N1N NDP C . -6.00 8.23 16.53
C2N NDP C . -7.25 8.62 16.19
C3N NDP C . -8.30 7.70 16.08
C7N NDP C . -9.68 8.17 15.69
O7N NDP C . -10.41 7.42 15.06
N7N NDP C . -10.08 9.39 16.02
C4N NDP C . -8.03 6.35 16.32
C5N NDP C . -6.74 5.97 16.68
C6N NDP C . -5.73 6.94 16.77
P2B NDP C . 7.49 1.83 15.55
O1X NDP C . 7.95 3.25 15.32
O2X NDP C . 7.57 1.38 17.00
O3X NDP C . 8.05 0.83 14.57
CAY 14Q D . -13.77 5.96 20.45
CAH 14Q D . -12.57 6.31 19.56
C4 14Q D . -12.66 5.64 18.18
N3 14Q D . -13.75 5.99 17.36
C2 14Q D . -13.91 5.43 16.08
NAG 14Q D . -14.94 5.76 15.32
N1 14Q D . -12.96 4.52 15.61
C6 14Q D . -11.86 4.17 16.41
NAI 14Q D . -10.97 3.30 15.95
C5 14Q D . -11.72 4.73 17.69
CAJ 14Q D . -10.59 4.36 18.49
CAK 14Q D . -9.63 4.04 19.18
CAL 14Q D . -8.47 3.63 19.98
CAM 14Q D . -8.26 4.48 21.23
CAR 14Q D . -8.98 4.23 22.39
CAN 14Q D . -7.31 5.50 21.20
CAO 14Q D . -7.09 6.29 22.33
OAZ 14Q D . -6.16 7.29 22.31
CBA 14Q D . -6.14 8.05 21.08
CAP 14Q D . -7.82 6.03 23.50
CAQ 14Q D . -8.78 5.01 23.54
CAS 14Q D . -9.50 4.75 24.71
CAX 14Q D . -9.95 5.78 25.54
CAW 14Q D . -10.68 5.49 26.70
OBB 14Q D . -11.23 6.30 27.66
CBC 14Q D . -11.42 5.44 28.79
OBD 14Q D . -11.66 4.14 28.21
CAV 14Q D . -10.95 4.16 27.04
CAU 14Q D . -10.50 3.13 26.22
CAT 14Q D . -9.78 3.42 25.07
PA NDP E . 11.70 -10.04 -2.45
O1A NDP E . 10.40 -9.38 -2.86
O2A NDP E . 12.95 -9.81 -3.27
O5B NDP E . 12.02 -9.62 -0.94
C5B NDP E . 11.07 -9.91 0.08
C4B NDP E . 11.76 -9.68 1.41
O4B NDP E . 12.05 -8.29 1.59
C3B NDP E . 10.92 -10.11 2.59
O3B NDP E . 11.16 -11.48 2.94
C2B NDP E . 11.34 -9.14 3.68
O2B NDP E . 12.55 -9.60 4.25
C1B NDP E . 11.72 -7.88 2.93
N9A NDP E . 10.62 -6.89 2.91
C8A NDP E . 9.52 -6.92 2.12
N7A NDP E . 8.71 -5.86 2.35
C5A NDP E . 9.28 -5.12 3.31
C6A NDP E . 8.94 -3.85 4.03
N6A NDP E . 7.82 -3.17 3.75
N1A NDP E . 9.81 -3.41 4.97
C2A NDP E . 10.95 -4.08 5.26
N3A NDP E . 11.31 -5.22 4.65
C4A NDP E . 10.54 -5.79 3.68
O3 NDP E . 11.47 -11.63 -2.31
PN NDP E . 10.49 -12.45 -3.30
O1N NDP E . 10.79 -13.92 -3.14
O2N NDP E . 9.07 -11.95 -3.11
O5D NDP E . 11.01 -11.98 -4.74
C5D NDP E . 12.22 -12.50 -5.26
C4D NDP E . 11.90 -13.25 -6.55
O4D NDP E . 11.61 -12.32 -7.59
C3D NDP E . 13.09 -14.09 -6.98
O3D NDP E . 12.60 -15.38 -7.36
C2D NDP E . 13.65 -13.36 -8.19
O2D NDP E . 14.05 -14.28 -9.21
C1D NDP E . 12.51 -12.49 -8.69
N1N NDP E . 12.96 -11.19 -9.22
C2N NDP E . 12.67 -10.91 -10.49
C3N NDP E . 13.06 -9.70 -11.08
C7N NDP E . 12.71 -9.41 -12.51
O7N NDP E . 12.69 -8.27 -12.92
N7N NDP E . 12.43 -10.42 -13.34
C4N NDP E . 13.77 -8.78 -10.31
C5N NDP E . 14.06 -9.09 -8.99
C6N NDP E . 13.64 -10.32 -8.46
P2B NDP E . 12.68 -10.31 5.69
O1X NDP E . 11.99 -11.64 5.50
O2X NDP E . 14.18 -10.40 5.87
O3X NDP E . 11.99 -9.36 6.64
CAY 14Q F . 18.24 -7.86 -15.77
CAH 14Q F . 17.27 -8.22 -14.65
C4 14Q F . 16.20 -7.12 -14.45
N3 14Q F . 15.52 -6.65 -15.58
C2 14Q F . 14.53 -5.66 -15.48
NAG 14Q F . 13.89 -5.23 -16.56
N1 14Q F . 14.22 -5.13 -14.22
C6 14Q F . 14.90 -5.58 -13.09
NAI 14Q F . 14.61 -5.06 -11.90
C5 14Q F . 15.89 -6.57 -13.20
CAJ 14Q F . 16.56 -7.01 -12.00
CAK 14Q F . 17.14 -7.38 -10.98
CAL 14Q F . 17.82 -7.83 -9.76
CAM 14Q F . 18.68 -9.10 -9.91
CAR 14Q F . 19.91 -9.05 -10.56
CAN 14Q F . 18.22 -10.29 -9.36
CAO 14Q F . 18.98 -11.46 -9.47
OAZ 14Q F . 18.54 -12.63 -8.92
CBA 14Q F . 17.27 -13.10 -9.41
CAP 14Q F . 20.21 -11.42 -10.12
CAQ 14Q F . 20.69 -10.22 -10.68
CAS 14Q F . 21.93 -10.19 -11.33
CAX 14Q F . 22.34 -11.23 -12.19
CAW 14Q F . 23.58 -11.17 -12.83
OBB 14Q F . 24.19 -12.03 -13.70
CBC 14Q F . 25.58 -11.69 -13.62
OBD 14Q F . 25.57 -10.28 -13.33
CAV 14Q F . 24.44 -10.09 -12.61
CAU 14Q F . 24.04 -9.07 -11.75
CAT 14Q F . 22.81 -9.12 -11.12
#